data_4N4M
#
_entry.id   4N4M
#
_cell.length_a   130.260
_cell.length_b   130.260
_cell.length_c   130.260
_cell.angle_alpha   90.00
_cell.angle_beta   90.00
_cell.angle_gamma   90.00
#
_symmetry.space_group_name_H-M   'P 21 3'
#
loop_
_entity.id
_entity.type
_entity.pdbx_description
1 polymer 'hydroxylamine oxidoreductase'
2 non-polymer 'PHOSPHATE ION'
3 non-polymer 1,2-ETHANEDIOL
4 non-polymer 1-PHENYLHYDRAZINE
5 non-polymer 'HEME C'
6 water water
#
_entity_poly.entity_id   1
_entity_poly.type   'polypeptide(L)'
_entity_poly.pdbx_seq_one_letter_code
;EGPTFQDVASQVFGQPVGPDNDGTLYIFGLTAKYTEPEYVDGRGPYKSFLKMLPSIRWYDPEHYWTNGSQTEGVFKNEEC
VLCHTVQTPTIVNDWKQSSHGSKDIRRGIGIKKDGKPVEDLVGCADCHGNNHQKLEMPTYKLCNDCHPKETAEHRAGGLG
SHTHAYTVNVLEFSWHVGKPAEEVTGCAHCHAIAENRCSGCHTRHKFDPAEARKPTACRVCHMGIDHDEWAMYNTSIHGA
LYEAESARMDWGKKLKKGNYRVPTCAYCHMQNGDHNPQRFGTIYSDMGMFQVDRGAPKHKAKRDSWIKLCQDCHSPRFAA
DKLKEMDAGVNLSFTKWREAAAVIVGCYLDGVVDPMPEGSAPDWYGHYTFSLLPGGDPRFYATSNLERLGLEMICYLTGN
VYKAYAHMSMYNQTYGNGSAFEQDRKLVEIKTEAAKLRRFAAIEKKIGLEHKSADFWKHGEYLDLLPGWKRKPGDVDVEW
FKRTDIPHRANADAGVEIHH
;
_entity_poly.pdbx_strand_id   A
#
loop_
_chem_comp.id
_chem_comp.type
_chem_comp.name
_chem_comp.formula
EDO non-polymer 1,2-ETHANEDIOL 'C2 H6 O2'
HEC non-polymer 'HEME C' 'C34 H34 Fe N4 O4'
PHZ non-polymer 1-PHENYLHYDRAZINE 'C6 H8 N2'
PO4 non-polymer 'PHOSPHATE ION' 'O4 P -3'
#
# COMPACT_ATOMS: atom_id res chain seq x y z
N THR A 4 15.57 33.76 7.46
CA THR A 4 14.91 32.57 6.84
C THR A 4 14.77 32.77 5.34
N PHE A 5 14.55 31.68 4.62
CA PHE A 5 14.28 31.73 3.17
C PHE A 5 13.08 32.63 2.90
N GLN A 6 12.01 32.46 3.67
CA GLN A 6 10.79 33.24 3.50
C GLN A 6 11.04 34.74 3.62
N ASP A 7 11.88 35.14 4.57
CA ASP A 7 12.19 36.56 4.79
C ASP A 7 12.90 37.17 3.58
N VAL A 8 13.90 36.46 3.06
CA VAL A 8 14.64 36.92 1.88
C VAL A 8 13.74 36.98 0.65
N ALA A 9 13.05 35.89 0.38
CA ALA A 9 12.11 35.83 -0.76
C ALA A 9 11.06 36.93 -0.68
N SER A 10 10.60 37.23 0.53
CA SER A 10 9.62 38.29 0.75
C SER A 10 10.09 39.66 0.26
N GLN A 11 11.38 39.93 0.42
CA GLN A 11 11.96 41.22 0.02
C GLN A 11 12.26 41.26 -1.47
N VAL A 12 12.59 40.10 -2.05
CA VAL A 12 12.91 40.02 -3.48
C VAL A 12 11.64 40.02 -4.35
N PHE A 13 10.62 39.25 -3.97
CA PHE A 13 9.41 39.10 -4.77
C PHE A 13 8.29 40.06 -4.35
N GLY A 14 8.49 40.75 -3.23
CA GLY A 14 7.55 41.79 -2.81
C GLY A 14 6.24 41.27 -2.27
N GLN A 15 6.29 40.12 -1.60
CA GLN A 15 5.11 39.57 -0.95
C GLN A 15 5.42 39.33 0.52
N PRO A 16 4.55 39.80 1.42
CA PRO A 16 4.76 39.59 2.86
C PRO A 16 4.83 38.11 3.26
N VAL A 17 5.65 37.82 4.27
CA VAL A 17 5.69 36.51 4.89
C VAL A 17 4.36 36.29 5.60
N GLY A 18 3.94 35.04 5.72
CA GLY A 18 2.71 34.71 6.45
C GLY A 18 2.53 33.21 6.62
N PRO A 19 1.52 32.82 7.39
CA PRO A 19 1.23 31.40 7.54
C PRO A 19 0.59 30.82 6.28
N ASP A 20 0.98 29.60 5.93
CA ASP A 20 0.45 28.94 4.74
C ASP A 20 -1.08 28.83 4.73
N ASN A 21 -1.70 28.80 5.90
CA ASN A 21 -3.12 28.46 6.02
C ASN A 21 -4.11 29.63 6.06
N ASP A 22 -3.66 30.87 5.84
CA ASP A 22 -4.57 32.02 5.98
C ASP A 22 -5.37 32.37 4.72
N GLY A 23 -5.08 31.68 3.61
CA GLY A 23 -5.84 31.86 2.37
C GLY A 23 -5.14 32.69 1.32
N THR A 24 -4.04 33.34 1.73
CA THR A 24 -3.21 34.12 0.82
C THR A 24 -2.70 33.24 -0.31
N LEU A 25 -2.70 33.79 -1.53
CA LEU A 25 -2.12 33.14 -2.68
C LEU A 25 -0.64 33.48 -2.70
N TYR A 26 0.19 32.53 -2.25
CA TYR A 26 1.64 32.75 -2.15
C TYR A 26 2.36 32.47 -3.46
N ILE A 27 3.07 33.48 -3.97
CA ILE A 27 3.81 33.39 -5.23
C ILE A 27 4.90 32.32 -5.13
N PHE A 28 4.73 31.26 -5.92
CA PHE A 28 5.54 30.03 -5.88
C PHE A 28 5.71 29.44 -4.47
N GLY A 29 4.78 29.79 -3.56
CA GLY A 29 4.84 29.38 -2.16
C GLY A 29 6.04 29.86 -1.36
N LEU A 30 6.74 30.88 -1.87
CA LEU A 30 8.07 31.22 -1.36
C LEU A 30 8.07 31.88 0.02
N THR A 31 7.04 32.65 0.35
CA THR A 31 7.02 33.41 1.60
C THR A 31 6.05 32.85 2.64
N ALA A 32 5.48 31.68 2.37
CA ALA A 32 4.55 31.05 3.29
C ALA A 32 5.31 30.24 4.34
N LYS A 33 4.79 30.25 5.56
CA LYS A 33 5.39 29.49 6.65
C LYS A 33 4.52 28.28 6.97
N TYR A 34 5.17 27.12 7.11
CA TYR A 34 4.47 25.87 7.43
C TYR A 34 3.76 25.95 8.77
N THR A 35 2.49 25.56 8.79
CA THR A 35 1.73 25.37 10.02
C THR A 35 1.29 23.92 10.13
N GLU A 36 1.22 23.41 11.36
CA GLU A 36 0.73 22.06 11.58
C GLU A 36 -0.77 22.02 11.37
N PRO A 37 -1.27 21.01 10.64
CA PRO A 37 -2.70 20.78 10.63
C PRO A 37 -3.16 20.22 11.97
N GLU A 38 -4.47 20.22 12.19
CA GLU A 38 -5.02 19.57 13.38
C GLU A 38 -4.72 18.08 13.29
N TYR A 39 -4.25 17.49 14.38
CA TYR A 39 -3.94 16.07 14.44
C TYR A 39 -4.78 15.38 15.49
N VAL A 40 -4.93 14.07 15.34
CA VAL A 40 -5.34 13.20 16.44
C VAL A 40 -4.21 12.18 16.61
N ASP A 41 -4.14 11.53 17.77
CA ASP A 41 -3.08 10.56 18.04
C ASP A 41 -3.26 9.31 17.19
N GLY A 42 -2.15 8.81 16.65
CA GLY A 42 -2.15 7.53 15.96
C GLY A 42 -2.15 6.36 16.93
N ARG A 43 -2.52 5.19 16.42
CA ARG A 43 -2.54 3.97 17.22
C ARG A 43 -1.24 3.19 16.98
N GLY A 44 -1.10 2.03 17.63
CA GLY A 44 0.03 1.15 17.37
C GLY A 44 1.22 1.36 18.28
N PRO A 45 2.36 0.74 17.95
CA PRO A 45 3.54 0.76 18.83
C PRO A 45 4.27 2.10 18.91
N TYR A 46 3.97 3.03 18.00
CA TYR A 46 4.58 4.36 18.01
C TYR A 46 3.56 5.43 18.36
N LYS A 47 2.51 5.02 19.08
CA LYS A 47 1.44 5.91 19.55
C LYS A 47 1.91 7.13 20.35
N SER A 48 3.11 7.08 20.92
CA SER A 48 3.60 8.21 21.71
C SER A 48 3.81 9.45 20.84
N PHE A 49 4.11 9.26 19.56
CA PHE A 49 4.31 10.39 18.63
C PHE A 49 3.60 10.29 17.26
N LEU A 50 3.12 9.09 16.88
CA LEU A 50 2.41 8.94 15.61
C LEU A 50 1.14 9.77 15.63
N LYS A 51 0.88 10.49 14.54
CA LYS A 51 -0.33 11.29 14.39
C LYS A 51 -1.10 10.85 13.16
N MET A 52 -2.40 11.14 13.17
CA MET A 52 -3.28 10.97 12.01
C MET A 52 -4.04 12.28 11.84
N LEU A 53 -4.47 12.58 10.61
CA LEU A 53 -5.44 13.65 10.40
C LEU A 53 -6.80 13.13 10.91
N PRO A 54 -7.68 14.05 11.35
CA PRO A 54 -8.96 13.62 11.94
C PRO A 54 -9.85 12.80 11.02
N SER A 55 -9.61 12.89 9.70
CA SER A 55 -10.36 12.13 8.71
C SER A 55 -10.14 10.62 8.82
N ILE A 56 -9.25 10.19 9.70
CA ILE A 56 -9.07 8.78 10.02
C ILE A 56 -10.38 8.18 10.59
N ARG A 57 -11.29 9.05 11.07
CA ARG A 57 -12.61 8.64 11.54
C ARG A 57 -13.37 7.70 10.60
N TRP A 58 -13.18 7.85 9.29
CA TRP A 58 -13.90 7.07 8.30
C TRP A 58 -13.29 5.68 8.08
N TYR A 59 -12.01 5.53 8.38
CA TYR A 59 -11.24 4.35 7.99
C TYR A 59 -10.89 3.43 9.16
N ASP A 60 -10.79 4.01 10.36
CA ASP A 60 -10.65 3.26 11.60
C ASP A 60 -11.75 3.75 12.55
N PRO A 61 -13.02 3.56 12.15
CA PRO A 61 -14.12 4.15 12.91
C PRO A 61 -14.29 3.62 14.33
N GLU A 62 -13.92 2.37 14.57
CA GLU A 62 -14.01 1.81 15.92
C GLU A 62 -13.23 2.62 16.95
N HIS A 63 -12.12 3.20 16.54
CA HIS A 63 -11.27 3.95 17.45
C HIS A 63 -11.41 5.47 17.34
N TYR A 64 -11.99 5.97 16.24
CA TYR A 64 -12.00 7.42 15.97
C TYR A 64 -13.37 8.02 15.62
N TRP A 65 -14.38 7.20 15.35
CA TRP A 65 -15.67 7.72 14.88
C TRP A 65 -16.44 8.41 16.00
N THR A 66 -16.98 9.59 15.69
CA THR A 66 -17.86 10.33 16.61
C THR A 66 -19.01 10.92 15.81
N ASN A 67 -20.08 11.26 16.51
CA ASN A 67 -21.18 11.99 15.90
C ASN A 67 -20.68 13.33 15.35
N GLY A 68 -21.08 13.67 14.13
CA GLY A 68 -20.80 14.99 13.55
C GLY A 68 -21.91 15.47 12.66
N SER A 69 -23.14 15.01 12.92
CA SER A 69 -24.29 15.37 12.13
C SER A 69 -25.05 16.53 12.78
N GLN A 70 -25.73 17.30 11.94
CA GLN A 70 -26.57 18.42 12.38
C GLN A 70 -28.05 18.04 12.31
N THR A 71 -28.35 16.86 11.77
CA THR A 71 -29.72 16.38 11.65
C THR A 71 -30.07 15.54 12.88
N GLU A 72 -31.23 15.84 13.47
CA GLU A 72 -31.69 15.20 14.70
C GLU A 72 -32.93 14.38 14.44
N GLY A 73 -33.06 13.26 15.15
CA GLY A 73 -34.25 12.43 15.06
C GLY A 73 -33.97 10.94 15.10
N VAL A 74 -35.01 10.18 15.41
CA VAL A 74 -34.99 8.74 15.32
C VAL A 74 -35.93 8.39 14.18
N PHE A 75 -35.40 7.72 13.16
CA PHE A 75 -36.15 7.52 11.92
C PHE A 75 -36.32 6.04 11.55
N LYS A 76 -37.38 5.77 10.81
CA LYS A 76 -37.61 4.46 10.19
C LYS A 76 -36.82 4.38 8.89
N ASN A 77 -36.53 3.16 8.43
CA ASN A 77 -35.85 2.92 7.16
C ASN A 77 -36.40 3.73 5.99
N GLU A 78 -37.73 3.75 5.83
CA GLU A 78 -38.35 4.45 4.71
C GLU A 78 -38.12 5.97 4.80
N GLU A 79 -37.99 6.48 6.01
CA GLU A 79 -37.65 7.90 6.22
C GLU A 79 -36.21 8.21 5.82
N CYS A 80 -35.29 7.29 6.10
CA CYS A 80 -33.91 7.41 5.62
C CYS A 80 -33.89 7.61 4.11
N VAL A 81 -34.63 6.75 3.41
CA VAL A 81 -34.64 6.76 1.95
C VAL A 81 -35.28 8.03 1.37
N LEU A 82 -36.44 8.41 1.89
CA LEU A 82 -37.18 9.58 1.38
C LEU A 82 -36.34 10.84 1.43
N CYS A 83 -35.71 11.10 2.57
CA CYS A 83 -34.94 12.33 2.75
C CYS A 83 -33.63 12.29 1.96
N HIS A 84 -32.91 11.16 2.02
CA HIS A 84 -31.64 11.04 1.33
C HIS A 84 -31.77 10.98 -0.19
N THR A 85 -32.98 10.67 -0.67
CA THR A 85 -33.29 10.77 -2.09
C THR A 85 -33.04 12.21 -2.57
N VAL A 86 -33.33 13.18 -1.69
CA VAL A 86 -33.02 14.58 -1.96
C VAL A 86 -31.59 14.95 -1.54
N GLN A 87 -31.16 14.50 -0.37
CA GLN A 87 -29.91 14.98 0.23
C GLN A 87 -28.62 14.34 -0.31
N THR A 88 -28.67 13.05 -0.63
CA THR A 88 -27.52 12.32 -1.20
C THR A 88 -28.03 11.32 -2.22
N PRO A 89 -28.55 11.81 -3.35
CA PRO A 89 -29.35 10.98 -4.24
C PRO A 89 -28.67 9.71 -4.74
N THR A 90 -27.37 9.77 -5.04
CA THR A 90 -26.69 8.61 -5.63
C THR A 90 -26.56 7.44 -4.64
N ILE A 91 -26.44 7.75 -3.35
CA ILE A 91 -26.41 6.71 -2.33
C ILE A 91 -27.70 5.90 -2.38
N VAL A 92 -28.82 6.61 -2.43
CA VAL A 92 -30.13 5.96 -2.56
C VAL A 92 -30.27 5.19 -3.87
N ASN A 93 -29.83 5.80 -4.97
CA ASN A 93 -29.85 5.13 -6.27
C ASN A 93 -29.01 3.85 -6.26
N ASP A 94 -27.81 3.93 -5.69
CA ASP A 94 -26.96 2.74 -5.51
C ASP A 94 -27.69 1.67 -4.68
N TRP A 95 -28.24 2.10 -3.55
CA TRP A 95 -28.90 1.19 -2.62
C TRP A 95 -30.12 0.51 -3.23
N LYS A 96 -30.91 1.28 -3.99
CA LYS A 96 -32.07 0.73 -4.72
C LYS A 96 -31.67 -0.26 -5.80
N GLN A 97 -30.45 -0.12 -6.32
CA GLN A 97 -29.92 -1.07 -7.31
C GLN A 97 -29.10 -2.19 -6.68
N SER A 98 -29.17 -2.33 -5.36
CA SER A 98 -28.46 -3.40 -4.65
C SER A 98 -29.45 -4.44 -4.12
N SER A 99 -28.96 -5.66 -3.92
CA SER A 99 -29.76 -6.72 -3.32
C SER A 99 -30.28 -6.34 -1.92
N HIS A 100 -29.51 -5.57 -1.18
CA HIS A 100 -29.96 -5.05 0.10
C HIS A 100 -31.28 -4.28 -0.03
N GLY A 101 -31.39 -3.48 -1.09
CA GLY A 101 -32.54 -2.60 -1.27
C GLY A 101 -33.54 -3.02 -2.33
N SER A 102 -33.35 -4.19 -2.94
CA SER A 102 -34.23 -4.66 -4.01
C SER A 102 -34.32 -6.19 -4.01
N LYS A 103 -35.47 -6.71 -3.63
CA LYS A 103 -35.71 -8.16 -3.59
C LYS A 103 -35.63 -8.80 -4.97
N ASP A 104 -36.04 -8.05 -6.00
CA ASP A 104 -36.08 -8.57 -7.37
C ASP A 104 -34.72 -9.03 -7.94
N ILE A 105 -33.61 -8.56 -7.37
CA ILE A 105 -32.30 -9.01 -7.84
C ILE A 105 -31.64 -10.02 -6.90
N ARG A 106 -32.33 -10.39 -5.81
CA ARG A 106 -31.81 -11.39 -4.89
C ARG A 106 -31.75 -12.76 -5.54
N ARG A 107 -30.80 -13.58 -5.11
CA ARG A 107 -30.56 -14.88 -5.70
C ARG A 107 -30.94 -16.03 -4.75
N GLY A 108 -31.53 -15.69 -3.60
CA GLY A 108 -31.91 -16.68 -2.60
C GLY A 108 -30.71 -17.41 -2.04
N ILE A 109 -29.66 -16.65 -1.72
CA ILE A 109 -28.40 -17.18 -1.22
C ILE A 109 -28.61 -17.94 0.11
N GLY A 110 -29.56 -17.46 0.91
CA GLY A 110 -29.87 -18.04 2.21
C GLY A 110 -29.26 -17.26 3.37
N ILE A 111 -29.16 -15.94 3.20
CA ILE A 111 -28.54 -15.06 4.20
C ILE A 111 -29.30 -15.11 5.54
N LYS A 112 -28.55 -15.18 6.64
CA LYS A 112 -29.14 -15.25 7.97
C LYS A 112 -28.47 -14.28 8.93
N LYS A 113 -29.27 -13.77 9.86
CA LYS A 113 -28.79 -13.01 11.01
C LYS A 113 -29.33 -13.65 12.29
N ASP A 114 -28.44 -13.94 13.23
CA ASP A 114 -28.80 -14.60 14.50
C ASP A 114 -29.63 -15.86 14.23
N GLY A 115 -29.19 -16.66 13.27
CA GLY A 115 -29.87 -17.91 12.93
C GLY A 115 -31.13 -17.79 12.10
N LYS A 116 -31.68 -16.57 11.96
CA LYS A 116 -32.95 -16.36 11.24
C LYS A 116 -32.72 -15.79 9.84
N PRO A 117 -33.56 -16.20 8.85
CA PRO A 117 -33.38 -15.70 7.49
C PRO A 117 -33.66 -14.20 7.36
N VAL A 118 -32.83 -13.49 6.59
CA VAL A 118 -33.05 -12.07 6.31
C VAL A 118 -33.89 -11.95 5.05
N GLU A 119 -35.19 -11.69 5.22
CA GLU A 119 -36.13 -11.65 4.09
C GLU A 119 -36.58 -10.23 3.75
N ASP A 120 -36.42 -9.30 4.69
CA ASP A 120 -36.76 -7.90 4.48
C ASP A 120 -35.64 -7.20 3.73
N LEU A 121 -35.92 -5.98 3.28
CA LEU A 121 -34.87 -5.10 2.76
C LEU A 121 -33.89 -4.80 3.89
N VAL A 122 -32.62 -4.62 3.52
CA VAL A 122 -31.60 -4.16 4.47
C VAL A 122 -31.35 -2.69 4.16
N GLY A 123 -31.90 -1.82 5.02
CA GLY A 123 -31.93 -0.39 4.76
C GLY A 123 -30.83 0.39 5.43
N CYS A 124 -30.84 1.71 5.20
CA CYS A 124 -29.85 2.62 5.75
C CYS A 124 -29.70 2.44 7.27
N ALA A 125 -30.84 2.32 7.95
CA ALA A 125 -30.86 2.22 9.42
C ALA A 125 -30.28 0.89 9.92
N ASP A 126 -30.46 -0.16 9.15
CA ASP A 126 -29.97 -1.49 9.53
C ASP A 126 -28.44 -1.54 9.56
N CYS A 127 -27.79 -0.70 8.75
CA CYS A 127 -26.33 -0.64 8.71
C CYS A 127 -25.75 0.53 9.50
N HIS A 128 -26.48 1.65 9.57
CA HIS A 128 -25.96 2.87 10.18
C HIS A 128 -26.61 3.24 11.51
N GLY A 129 -27.72 2.62 11.86
CA GLY A 129 -28.48 2.99 13.06
C GLY A 129 -29.69 3.87 12.76
N ASN A 130 -30.59 3.99 13.75
CA ASN A 130 -31.86 4.73 13.61
C ASN A 130 -31.78 6.16 14.11
N ASN A 131 -30.86 6.42 15.02
CA ASN A 131 -30.68 7.74 15.62
C ASN A 131 -29.66 8.55 14.83
N HIS A 132 -30.11 9.66 14.24
CA HIS A 132 -29.26 10.46 13.36
C HIS A 132 -28.16 11.22 14.11
N GLN A 133 -28.22 11.23 15.44
CA GLN A 133 -27.15 11.77 16.27
C GLN A 133 -26.23 10.68 16.83
N LYS A 134 -26.58 9.41 16.57
CA LYS A 134 -25.73 8.29 16.96
C LYS A 134 -25.56 7.33 15.78
N LEU A 135 -25.26 7.91 14.61
CA LEU A 135 -25.07 7.12 13.39
C LEU A 135 -23.74 6.37 13.47
N GLU A 136 -23.73 5.18 12.88
N GLU A 136 -23.72 5.15 12.95
CA GLU A 136 -22.58 4.30 12.92
CA GLU A 136 -22.48 4.36 12.98
C GLU A 136 -21.88 4.25 11.56
C GLU A 136 -21.87 4.27 11.59
N MET A 137 -20.54 4.21 11.57
CA MET A 137 -19.75 4.05 10.36
C MET A 137 -19.13 2.65 10.48
N PRO A 138 -19.63 1.67 9.69
CA PRO A 138 -19.29 0.27 9.92
C PRO A 138 -17.94 -0.20 9.37
N THR A 139 -17.57 -1.41 9.80
CA THR A 139 -16.41 -2.12 9.29
C THR A 139 -16.92 -3.49 8.85
N TYR A 140 -16.03 -4.40 8.53
CA TYR A 140 -16.39 -5.80 8.28
C TYR A 140 -17.17 -6.45 9.42
N LYS A 141 -17.05 -5.91 10.64
CA LYS A 141 -17.77 -6.45 11.80
C LYS A 141 -19.28 -6.43 11.62
N LEU A 142 -19.79 -5.39 10.97
CA LEU A 142 -21.21 -5.33 10.61
C LEU A 142 -21.56 -6.41 9.59
N CYS A 143 -20.80 -6.47 8.49
CA CYS A 143 -21.10 -7.40 7.41
C CYS A 143 -21.09 -8.87 7.89
N ASN A 144 -20.24 -9.14 8.88
CA ASN A 144 -20.14 -10.47 9.47
C ASN A 144 -21.47 -10.98 10.03
N ASP A 145 -22.33 -10.08 10.49
CA ASP A 145 -23.66 -10.46 10.98
C ASP A 145 -24.43 -11.31 9.98
N CYS A 146 -24.28 -10.98 8.69
CA CYS A 146 -25.03 -11.69 7.63
C CYS A 146 -24.17 -12.40 6.59
N HIS A 147 -22.87 -12.12 6.57
CA HIS A 147 -21.95 -12.75 5.61
C HIS A 147 -20.69 -13.28 6.33
N PRO A 148 -20.87 -14.30 7.19
CA PRO A 148 -19.76 -14.81 8.00
C PRO A 148 -18.63 -15.50 7.20
N LYS A 149 -18.97 -16.17 6.11
CA LYS A 149 -17.98 -16.89 5.29
C LYS A 149 -17.01 -15.92 4.64
N GLU A 150 -17.55 -14.92 3.95
CA GLU A 150 -16.72 -13.94 3.27
C GLU A 150 -15.86 -13.17 4.27
N THR A 151 -16.44 -12.83 5.41
CA THR A 151 -15.72 -12.10 6.44
C THR A 151 -14.59 -12.93 7.03
N ALA A 152 -14.85 -14.20 7.35
CA ALA A 152 -13.83 -15.05 7.94
C ALA A 152 -12.64 -15.23 7.00
N GLU A 153 -12.91 -15.33 5.70
CA GLU A 153 -11.84 -15.41 4.71
C GLU A 153 -11.08 -14.09 4.61
N HIS A 154 -11.81 -12.98 4.58
CA HIS A 154 -11.22 -11.64 4.55
C HIS A 154 -10.29 -11.45 5.75
N ARG A 155 -10.61 -12.11 6.86
CA ARG A 155 -9.80 -12.04 8.09
C ARG A 155 -8.77 -13.18 8.23
N ALA A 156 -8.62 -14.02 7.21
CA ALA A 156 -7.76 -15.22 7.31
C ALA A 156 -6.33 -15.02 6.78
N GLY A 157 -6.02 -13.82 6.30
CA GLY A 157 -4.72 -13.59 5.67
C GLY A 157 -3.60 -13.42 6.67
N GLY A 158 -2.37 -13.58 6.21
CA GLY A 158 -1.19 -13.32 7.04
C GLY A 158 -0.63 -11.93 6.79
N LEU A 159 0.57 -11.67 7.28
CA LEU A 159 1.24 -10.41 6.99
C LEU A 159 1.43 -10.27 5.49
N GLY A 160 1.17 -9.08 4.96
CA GLY A 160 1.25 -8.85 3.53
C GLY A 160 -0.06 -9.04 2.78
N SER A 161 -1.13 -9.32 3.51
CA SER A 161 -2.47 -9.46 2.95
C SER A 161 -3.36 -8.31 3.40
N HIS A 162 -4.57 -8.26 2.85
CA HIS A 162 -5.57 -7.28 3.28
C HIS A 162 -5.82 -7.32 4.79
N THR A 163 -5.77 -8.51 5.37
CA THR A 163 -6.12 -8.74 6.77
C THR A 163 -5.36 -7.84 7.76
N HIS A 164 -4.08 -7.59 7.50
CA HIS A 164 -3.26 -6.80 8.42
C HIS A 164 -2.67 -5.54 7.76
N ALA A 165 -3.24 -5.13 6.63
CA ALA A 165 -2.71 -4.03 5.82
C ALA A 165 -2.46 -2.75 6.63
N TYR A 166 -3.41 -2.41 7.50
CA TYR A 166 -3.36 -1.17 8.29
C TYR A 166 -2.83 -1.43 9.69
N THR A 167 -3.44 -2.37 10.39
CA THR A 167 -3.09 -2.65 11.79
C THR A 167 -1.59 -2.89 11.97
N VAL A 168 -0.98 -3.62 11.04
CA VAL A 168 0.44 -3.87 11.08
C VAL A 168 1.21 -3.01 10.08
N ASN A 169 0.85 -3.09 8.80
CA ASN A 169 1.70 -2.49 7.75
C ASN A 169 1.51 -0.99 7.50
N VAL A 170 0.63 -0.35 8.26
CA VAL A 170 0.64 1.10 8.38
C VAL A 170 1.24 1.48 9.74
N LEU A 171 0.64 0.98 10.81
CA LEU A 171 1.02 1.41 12.16
C LEU A 171 2.45 1.04 12.57
N GLU A 172 3.04 0.01 11.95
CA GLU A 172 4.41 -0.42 12.27
C GLU A 172 5.44 -0.06 11.19
N PHE A 173 5.00 0.49 10.07
CA PHE A 173 5.89 0.66 8.93
C PHE A 173 6.71 1.95 9.01
N SER A 174 8.01 1.82 8.77
CA SER A 174 8.95 2.94 8.84
C SER A 174 8.58 4.14 7.99
N TRP A 175 8.19 3.91 6.73
CA TRP A 175 7.90 5.01 5.82
C TRP A 175 6.67 5.81 6.24
N HIS A 176 5.74 5.17 6.94
CA HIS A 176 4.57 5.86 7.46
C HIS A 176 4.86 6.60 8.77
N VAL A 177 5.47 5.89 9.73
CA VAL A 177 5.74 6.46 11.05
C VAL A 177 6.84 7.53 10.99
N GLY A 178 7.73 7.42 10.00
CA GLY A 178 8.83 8.38 9.84
C GLY A 178 8.47 9.69 9.12
N LYS A 179 7.20 9.90 8.80
CA LYS A 179 6.79 11.06 8.02
C LYS A 179 5.64 11.80 8.69
N PRO A 180 5.50 13.11 8.42
CA PRO A 180 4.35 13.86 8.91
C PRO A 180 3.05 13.23 8.43
N ALA A 181 2.05 13.19 9.30
CA ALA A 181 0.82 12.45 9.05
C ALA A 181 0.17 12.83 7.72
N GLU A 182 0.12 14.14 7.44
CA GLU A 182 -0.61 14.64 6.26
C GLU A 182 0.09 14.30 4.94
N GLU A 183 1.37 13.92 5.00
CA GLU A 183 2.10 13.48 3.81
C GLU A 183 1.65 12.08 3.35
N VAL A 184 1.19 11.27 4.30
CA VAL A 184 0.94 9.85 4.05
C VAL A 184 -0.51 9.42 4.36
N THR A 185 -1.43 10.37 4.38
CA THR A 185 -2.86 10.09 4.53
C THR A 185 -3.31 8.98 3.57
N GLY A 186 -2.89 9.07 2.31
CA GLY A 186 -3.26 8.11 1.28
C GLY A 186 -2.79 6.68 1.57
N CYS A 187 -1.65 6.56 2.25
CA CYS A 187 -1.16 5.26 2.68
C CYS A 187 -2.09 4.64 3.70
N ALA A 188 -2.44 5.42 4.73
CA ALA A 188 -3.33 4.96 5.78
C ALA A 188 -4.65 4.46 5.21
N HIS A 189 -5.21 5.24 4.30
CA HIS A 189 -6.54 4.94 3.75
C HIS A 189 -6.53 3.77 2.79
N CYS A 190 -5.53 3.71 1.90
CA CYS A 190 -5.44 2.62 0.94
C CYS A 190 -5.34 1.29 1.69
N HIS A 191 -4.45 1.26 2.66
CA HIS A 191 -4.25 0.06 3.47
C HIS A 191 -5.47 -0.21 4.38
N ALA A 192 -6.06 0.83 4.95
CA ALA A 192 -7.22 0.67 5.85
C ALA A 192 -8.51 0.27 5.13
N ILE A 193 -8.72 0.77 3.90
CA ILE A 193 -9.86 0.31 3.10
C ILE A 193 -9.75 -1.19 2.84
N ALA A 194 -8.53 -1.65 2.56
CA ALA A 194 -8.28 -3.07 2.29
C ALA A 194 -8.56 -3.93 3.52
N GLU A 195 -8.16 -3.45 4.70
CA GLU A 195 -8.32 -4.22 5.94
C GLU A 195 -9.71 -4.11 6.54
N ASN A 196 -10.15 -2.89 6.81
CA ASN A 196 -11.31 -2.65 7.67
C ASN A 196 -12.65 -2.64 6.93
N ARG A 197 -12.63 -2.58 5.60
CA ARG A 197 -13.86 -2.48 4.83
C ARG A 197 -14.10 -3.68 3.94
N CYS A 198 -15.31 -3.74 3.40
CA CYS A 198 -15.75 -4.76 2.47
C CYS A 198 -16.15 -4.12 1.13
N SER A 199 -15.71 -2.89 0.91
CA SER A 199 -16.13 -2.09 -0.25
C SER A 199 -14.97 -1.75 -1.20
N GLY A 200 -13.81 -2.35 -0.98
CA GLY A 200 -12.65 -2.09 -1.81
C GLY A 200 -12.79 -2.62 -3.23
N CYS A 201 -13.49 -3.75 -3.37
CA CYS A 201 -13.65 -4.41 -4.67
C CYS A 201 -15.07 -4.23 -5.22
N HIS A 202 -16.07 -4.61 -4.41
CA HIS A 202 -17.46 -4.25 -4.71
C HIS A 202 -17.86 -3.05 -3.88
N THR A 203 -17.88 -1.88 -4.52
CA THR A 203 -18.05 -0.60 -3.83
C THR A 203 -19.45 -0.42 -3.26
N ARG A 204 -19.54 0.37 -2.20
CA ARG A 204 -20.81 0.86 -1.69
C ARG A 204 -21.37 1.83 -2.75
N HIS A 205 -22.70 1.97 -2.87
CA HIS A 205 -23.69 1.24 -2.07
C HIS A 205 -24.38 0.17 -2.91
N LYS A 206 -23.86 -0.14 -4.10
CA LYS A 206 -24.40 -1.21 -4.94
C LYS A 206 -23.91 -2.59 -4.48
N PHE A 207 -22.70 -2.65 -3.94
CA PHE A 207 -22.09 -3.92 -3.49
C PHE A 207 -22.27 -5.02 -4.53
N ASP A 208 -21.83 -4.73 -5.74
CA ASP A 208 -22.06 -5.60 -6.89
C ASP A 208 -20.86 -6.51 -7.17
N PRO A 209 -21.01 -7.83 -6.95
CA PRO A 209 -19.92 -8.76 -7.23
C PRO A 209 -19.38 -8.73 -8.67
N ALA A 210 -20.26 -8.46 -9.64
CA ALA A 210 -19.87 -8.33 -11.04
C ALA A 210 -18.83 -7.24 -11.19
N GLU A 211 -18.99 -6.15 -10.45
CA GLU A 211 -18.01 -5.06 -10.43
C GLU A 211 -16.69 -5.55 -9.83
N ALA A 212 -16.78 -6.34 -8.75
CA ALA A 212 -15.62 -6.85 -8.02
C ALA A 212 -14.75 -7.80 -8.84
N ARG A 213 -15.34 -8.47 -9.83
CA ARG A 213 -14.60 -9.39 -10.68
C ARG A 213 -13.69 -8.68 -11.69
N LYS A 214 -13.96 -7.40 -11.94
CA LYS A 214 -13.22 -6.63 -12.93
C LYS A 214 -11.87 -6.19 -12.36
N PRO A 215 -10.84 -6.06 -13.23
CA PRO A 215 -9.52 -5.62 -12.77
C PRO A 215 -9.54 -4.25 -12.11
N THR A 216 -10.51 -3.43 -12.49
CA THR A 216 -10.74 -2.13 -11.86
C THR A 216 -11.05 -2.23 -10.35
N ALA A 217 -11.43 -3.42 -9.88
CA ALA A 217 -11.69 -3.65 -8.47
C ALA A 217 -10.40 -3.71 -7.64
N CYS A 218 -9.26 -3.90 -8.31
CA CYS A 218 -7.97 -4.09 -7.66
C CYS A 218 -6.94 -3.02 -8.00
N ARG A 219 -7.02 -2.44 -9.19
CA ARG A 219 -5.91 -1.62 -9.70
C ARG A 219 -5.70 -0.27 -9.01
N VAL A 220 -6.72 0.25 -8.34
CA VAL A 220 -6.58 1.53 -7.61
C VAL A 220 -5.56 1.40 -6.48
N CYS A 221 -5.46 0.19 -5.93
CA CYS A 221 -4.49 -0.10 -4.87
C CYS A 221 -3.27 -0.85 -5.38
N HIS A 222 -3.46 -1.72 -6.38
CA HIS A 222 -2.41 -2.61 -6.87
C HIS A 222 -1.73 -2.03 -8.09
N MET A 223 -1.24 -0.82 -7.97
CA MET A 223 -0.53 -0.20 -9.06
C MET A 223 0.81 0.32 -8.61
N GLY A 224 1.61 0.70 -9.60
CA GLY A 224 2.75 1.54 -9.36
C GLY A 224 4.03 0.97 -8.79
N ILE A 225 4.40 1.48 -7.62
CA ILE A 225 5.81 1.76 -7.32
C ILE A 225 6.40 2.44 -8.57
N ASP A 226 5.49 3.02 -9.39
CA ASP A 226 5.68 3.42 -10.81
C ASP A 226 4.81 2.59 -11.80
N HIS A 227 4.92 1.26 -11.72
CA HIS A 227 4.37 0.34 -12.73
C HIS A 227 3.41 -0.70 -12.12
N ASP A 228 3.99 -1.75 -11.52
CA ASP A 228 3.29 -2.72 -10.65
C ASP A 228 2.36 -3.68 -11.39
N GLU A 229 1.77 -4.58 -10.60
CA GLU A 229 0.95 -5.68 -11.11
C GLU A 229 -0.20 -5.24 -12.03
N TRP A 230 -0.69 -4.00 -11.87
CA TRP A 230 -1.69 -3.48 -12.83
C TRP A 230 -1.08 -3.36 -14.21
N ALA A 231 0.03 -2.64 -14.31
CA ALA A 231 0.74 -2.48 -15.57
C ALA A 231 1.23 -3.84 -16.07
N MET A 232 1.71 -4.68 -15.17
CA MET A 232 2.16 -6.02 -15.53
C MET A 232 1.00 -6.82 -16.15
N TYR A 233 -0.19 -6.71 -15.57
CA TYR A 233 -1.36 -7.40 -16.12
C TYR A 233 -1.86 -6.76 -17.41
N ASN A 234 -1.98 -5.43 -17.40
CA ASN A 234 -2.52 -4.70 -18.54
C ASN A 234 -1.67 -4.83 -19.81
N THR A 235 -0.37 -5.05 -19.65
CA THR A 235 0.54 -5.20 -20.79
C THR A 235 0.84 -6.66 -21.15
N SER A 236 0.15 -7.60 -20.51
CA SER A 236 0.17 -8.99 -20.93
C SER A 236 -0.96 -9.17 -21.93
N ILE A 237 -0.96 -10.30 -22.63
CA ILE A 237 -2.02 -10.59 -23.58
C ILE A 237 -3.37 -10.77 -22.85
N HIS A 238 -3.35 -11.28 -21.63
CA HIS A 238 -4.57 -11.35 -20.81
C HIS A 238 -5.19 -9.97 -20.63
N GLY A 239 -4.36 -8.99 -20.30
CA GLY A 239 -4.83 -7.62 -20.09
C GLY A 239 -5.40 -6.98 -21.34
N ALA A 240 -4.74 -7.23 -22.48
CA ALA A 240 -5.21 -6.69 -23.76
C ALA A 240 -6.56 -7.30 -24.11
N LEU A 241 -6.72 -8.61 -23.89
CA LEU A 241 -8.00 -9.27 -24.13
C LEU A 241 -9.11 -8.78 -23.18
N TYR A 242 -8.75 -8.48 -21.93
CA TYR A 242 -9.71 -7.88 -21.01
C TYR A 242 -10.24 -6.57 -21.60
N GLU A 243 -9.34 -5.71 -22.07
CA GLU A 243 -9.76 -4.44 -22.66
C GLU A 243 -10.64 -4.69 -23.89
N ALA A 244 -10.27 -5.67 -24.71
CA ALA A 244 -11.00 -5.99 -25.93
C ALA A 244 -12.39 -6.55 -25.66
N GLU A 245 -12.53 -7.34 -24.61
CA GLU A 245 -13.77 -8.09 -24.38
C GLU A 245 -14.64 -7.54 -23.25
N SER A 246 -14.11 -6.60 -22.45
CA SER A 246 -14.82 -6.12 -21.26
C SER A 246 -16.26 -5.65 -21.52
N ALA A 247 -16.46 -4.95 -22.63
CA ALA A 247 -17.74 -4.28 -22.90
C ALA A 247 -18.87 -5.25 -23.24
N ARG A 248 -18.51 -6.42 -23.75
CA ARG A 248 -19.50 -7.38 -24.23
C ARG A 248 -19.52 -8.72 -23.48
N MET A 249 -18.50 -9.00 -22.67
CA MET A 249 -18.47 -10.24 -21.89
C MET A 249 -19.48 -10.24 -20.74
N ASP A 250 -19.83 -11.44 -20.26
CA ASP A 250 -20.80 -11.60 -19.18
C ASP A 250 -20.11 -11.60 -17.82
N TRP A 251 -20.13 -10.45 -17.15
CA TRP A 251 -19.49 -10.28 -15.84
C TRP A 251 -20.36 -10.80 -14.69
N GLY A 252 -21.59 -11.22 -15.02
CA GLY A 252 -22.50 -11.77 -14.02
C GLY A 252 -22.23 -13.22 -13.65
N LYS A 253 -21.34 -13.87 -14.38
CA LYS A 253 -20.96 -15.26 -14.10
C LYS A 253 -20.00 -15.35 -12.91
N LYS A 254 -20.22 -16.38 -12.08
CA LYS A 254 -19.36 -16.65 -10.93
C LYS A 254 -17.93 -16.93 -11.41
N LEU A 255 -16.96 -16.59 -10.57
CA LEU A 255 -15.57 -16.90 -10.84
C LEU A 255 -15.38 -18.42 -10.75
N LYS A 256 -15.29 -19.04 -11.92
CA LYS A 256 -15.31 -20.50 -12.03
C LYS A 256 -14.69 -20.97 -13.34
N LYS A 257 -14.06 -22.13 -13.28
CA LYS A 257 -13.53 -22.82 -14.44
C LYS A 257 -14.60 -22.90 -15.54
N GLY A 258 -14.28 -22.38 -16.73
CA GLY A 258 -15.21 -22.42 -17.87
C GLY A 258 -16.18 -21.26 -18.00
N ASN A 259 -16.26 -20.40 -16.99
CA ASN A 259 -17.15 -19.23 -17.05
C ASN A 259 -16.53 -18.02 -17.72
N TYR A 260 -15.21 -18.02 -17.91
CA TYR A 260 -14.49 -16.86 -18.45
C TYR A 260 -13.44 -17.28 -19.47
N ARG A 261 -13.33 -16.50 -20.55
CA ARG A 261 -12.24 -16.66 -21.50
C ARG A 261 -11.00 -15.93 -20.99
N VAL A 262 -11.21 -14.69 -20.54
CA VAL A 262 -10.13 -13.82 -20.10
C VAL A 262 -10.04 -13.85 -18.58
N PRO A 263 -8.86 -14.19 -18.03
CA PRO A 263 -8.68 -14.18 -16.58
C PRO A 263 -8.40 -12.77 -16.06
N THR A 264 -8.97 -12.44 -14.92
CA THR A 264 -8.73 -11.18 -14.23
C THR A 264 -8.05 -11.47 -12.89
N CYS A 265 -7.66 -10.41 -12.19
CA CYS A 265 -7.03 -10.52 -10.87
C CYS A 265 -7.86 -11.43 -9.97
N ALA A 266 -9.15 -11.12 -9.87
CA ALA A 266 -10.08 -11.89 -9.05
C ALA A 266 -10.14 -13.36 -9.47
N TYR A 267 -10.21 -13.61 -10.78
CA TYR A 267 -10.24 -14.99 -11.28
C TYR A 267 -9.08 -15.84 -10.75
N CYS A 268 -7.87 -15.28 -10.78
CA CYS A 268 -6.67 -16.03 -10.42
C CYS A 268 -6.33 -15.99 -8.94
N HIS A 269 -6.74 -14.92 -8.25
CA HIS A 269 -6.39 -14.74 -6.84
C HIS A 269 -7.55 -14.94 -5.89
N MET A 270 -8.77 -14.69 -6.35
CA MET A 270 -9.96 -15.04 -5.58
C MET A 270 -10.60 -16.26 -6.21
N GLN A 271 -9.79 -17.31 -6.36
CA GLN A 271 -10.24 -18.52 -7.04
C GLN A 271 -11.52 -19.03 -6.40
N ASN A 272 -12.53 -19.28 -7.24
CA ASN A 272 -13.83 -19.75 -6.81
C ASN A 272 -14.48 -18.91 -5.70
N GLY A 273 -14.18 -17.60 -5.71
CA GLY A 273 -14.81 -16.65 -4.78
C GLY A 273 -14.17 -16.60 -3.41
N ASP A 274 -12.98 -17.16 -3.28
CA ASP A 274 -12.28 -17.16 -2.00
C ASP A 274 -11.85 -15.75 -1.65
N HIS A 275 -12.28 -15.28 -0.48
CA HIS A 275 -12.01 -13.92 -0.02
C HIS A 275 -10.69 -13.77 0.76
N ASN A 276 -9.84 -14.80 0.69
CA ASN A 276 -8.47 -14.74 1.20
C ASN A 276 -7.52 -14.94 0.02
N PRO A 277 -7.42 -13.93 -0.87
CA PRO A 277 -6.62 -14.08 -2.08
C PRO A 277 -5.11 -14.34 -1.86
N GLN A 278 -4.54 -13.93 -0.73
CA GLN A 278 -3.12 -14.19 -0.46
C GLN A 278 -2.78 -15.67 -0.42
N ARG A 279 -3.72 -16.52 -0.01
CA ARG A 279 -3.38 -17.91 0.30
C ARG A 279 -2.92 -18.74 -0.91
N PHE A 280 -3.23 -18.31 -2.12
CA PHE A 280 -2.81 -19.04 -3.33
C PHE A 280 -1.34 -18.79 -3.68
N GLY A 281 -0.76 -17.72 -3.13
CA GLY A 281 0.65 -17.42 -3.32
C GLY A 281 1.54 -18.52 -2.76
N THR A 282 2.64 -18.79 -3.46
CA THR A 282 3.60 -19.80 -3.03
C THR A 282 4.13 -19.50 -1.63
N ILE A 283 4.60 -18.27 -1.43
CA ILE A 283 5.21 -17.85 -0.16
C ILE A 283 5.28 -16.32 -0.15
N TYR A 284 5.19 -15.72 1.03
CA TYR A 284 5.34 -14.26 1.12
C TYR A 284 6.80 -13.86 0.99
N SER A 285 7.09 -12.95 0.07
CA SER A 285 8.46 -12.61 -0.29
C SER A 285 8.80 -11.12 -0.13
N ASP A 286 8.01 -10.41 0.68
CA ASP A 286 8.10 -8.95 0.81
C ASP A 286 8.08 -8.27 -0.56
N MET A 287 7.01 -8.52 -1.31
CA MET A 287 6.80 -7.95 -2.64
C MET A 287 7.94 -8.29 -3.60
N GLY A 288 8.47 -9.51 -3.50
CA GLY A 288 9.54 -9.96 -4.40
C GLY A 288 10.92 -9.38 -4.11
N MET A 289 11.06 -8.69 -2.97
CA MET A 289 12.37 -8.17 -2.54
C MET A 289 13.23 -9.28 -1.92
N PHE A 290 12.56 -10.31 -1.37
CA PHE A 290 13.22 -11.51 -0.92
C PHE A 290 13.23 -12.52 -2.08
N GLN A 291 14.36 -13.14 -2.33
CA GLN A 291 14.51 -14.07 -3.44
C GLN A 291 14.14 -15.47 -3.02
N VAL A 292 13.27 -16.10 -3.80
CA VAL A 292 12.87 -17.49 -3.59
C VAL A 292 12.55 -18.12 -4.94
N ASP A 293 13.00 -19.36 -5.12
CA ASP A 293 12.71 -20.12 -6.34
C ASP A 293 11.44 -20.92 -6.12
N ARG A 294 10.35 -20.39 -6.67
CA ARG A 294 9.03 -20.99 -6.52
C ARG A 294 8.89 -22.32 -7.26
N GLY A 295 9.87 -22.64 -8.11
CA GLY A 295 9.91 -23.93 -8.79
C GLY A 295 10.73 -25.00 -8.10
N ALA A 296 11.27 -24.71 -6.92
CA ALA A 296 12.06 -25.69 -6.16
C ALA A 296 11.16 -26.81 -5.62
N PRO A 297 11.72 -28.03 -5.44
CA PRO A 297 10.93 -29.19 -4.99
C PRO A 297 10.09 -28.95 -3.75
N LYS A 298 10.56 -28.12 -2.83
CA LYS A 298 9.82 -27.88 -1.59
C LYS A 298 8.52 -27.09 -1.82
N HIS A 299 8.43 -26.35 -2.92
CA HIS A 299 7.22 -25.58 -3.25
C HIS A 299 6.33 -26.25 -4.30
N LYS A 300 6.50 -27.55 -4.50
CA LYS A 300 5.81 -28.27 -5.58
C LYS A 300 4.29 -28.20 -5.49
N ALA A 301 3.73 -28.31 -4.28
CA ALA A 301 2.27 -28.29 -4.12
C ALA A 301 1.69 -26.96 -4.61
N LYS A 302 2.37 -25.87 -4.27
CA LYS A 302 1.98 -24.53 -4.72
C LYS A 302 2.14 -24.36 -6.23
N ARG A 303 3.27 -24.79 -6.76
CA ARG A 303 3.51 -24.71 -8.20
C ARG A 303 2.47 -25.54 -8.96
N ASP A 304 2.21 -26.76 -8.49
CA ASP A 304 1.20 -27.62 -9.11
C ASP A 304 -0.18 -26.99 -9.08
N SER A 305 -0.53 -26.34 -7.97
CA SER A 305 -1.83 -25.65 -7.86
C SER A 305 -1.96 -24.51 -8.89
N TRP A 306 -0.90 -23.74 -9.07
CA TRP A 306 -0.89 -22.69 -10.09
C TRP A 306 -1.01 -23.30 -11.50
N ILE A 307 -0.24 -24.35 -11.78
CA ILE A 307 -0.32 -25.01 -13.08
C ILE A 307 -1.74 -25.48 -13.39
N LYS A 308 -2.42 -26.01 -12.38
CA LYS A 308 -3.80 -26.44 -12.53
C LYS A 308 -4.78 -25.27 -12.73
N LEU A 309 -4.52 -24.15 -12.06
CA LEU A 309 -5.29 -22.93 -12.32
C LEU A 309 -5.15 -22.52 -13.80
N CYS A 310 -3.92 -22.46 -14.28
CA CYS A 310 -3.67 -22.11 -15.68
C CYS A 310 -4.36 -23.08 -16.65
N GLN A 311 -4.50 -24.34 -16.22
CA GLN A 311 -5.05 -25.39 -17.07
C GLN A 311 -6.55 -25.23 -17.34
N ASP A 312 -7.22 -24.31 -16.64
CA ASP A 312 -8.56 -23.89 -17.01
C ASP A 312 -8.61 -23.53 -18.49
N CYS A 313 -7.52 -22.95 -19.00
CA CYS A 313 -7.49 -22.41 -20.35
C CYS A 313 -6.27 -22.76 -21.19
N HIS A 314 -5.38 -23.60 -20.65
CA HIS A 314 -4.08 -23.92 -21.26
C HIS A 314 -3.65 -25.36 -21.00
N SER A 315 -2.72 -25.82 -21.83
CA SER A 315 -1.92 -26.98 -21.54
C SER A 315 -1.14 -26.78 -20.24
N PRO A 316 -1.10 -27.81 -19.37
CA PRO A 316 -0.32 -27.70 -18.14
C PRO A 316 1.19 -27.64 -18.37
N ARG A 317 1.64 -28.18 -19.50
CA ARG A 317 3.06 -28.14 -19.86
C ARG A 317 3.48 -26.71 -20.22
N PHE A 318 2.64 -26.03 -20.99
CA PHE A 318 2.82 -24.61 -21.30
C PHE A 318 2.86 -23.74 -20.04
N ALA A 319 1.88 -23.92 -19.16
CA ALA A 319 1.83 -23.21 -17.89
C ALA A 319 3.09 -23.45 -17.05
N ALA A 320 3.51 -24.71 -16.96
CA ALA A 320 4.71 -25.08 -16.23
C ALA A 320 5.94 -24.38 -16.79
N ASP A 321 6.07 -24.36 -18.11
CA ASP A 321 7.18 -23.66 -18.76
C ASP A 321 7.19 -22.16 -18.42
N LYS A 322 6.02 -21.55 -18.44
CA LYS A 322 5.89 -20.11 -18.16
C LYS A 322 6.29 -19.74 -16.74
N LEU A 323 5.93 -20.61 -15.79
CA LEU A 323 6.27 -20.37 -14.39
C LEU A 323 7.76 -20.67 -14.15
N LYS A 324 8.34 -21.57 -14.95
CA LYS A 324 9.79 -21.80 -14.91
C LYS A 324 10.55 -20.60 -15.47
N GLU A 325 9.99 -19.94 -16.49
CA GLU A 325 10.57 -18.69 -16.99
C GLU A 325 10.59 -17.64 -15.91
N MET A 326 9.54 -17.59 -15.11
CA MET A 326 9.50 -16.68 -13.97
C MET A 326 10.68 -16.95 -13.03
N ASP A 327 10.81 -18.21 -12.61
CA ASP A 327 11.87 -18.60 -11.68
C ASP A 327 13.25 -18.21 -12.22
N ALA A 328 13.51 -18.52 -13.48
CA ALA A 328 14.79 -18.20 -14.12
C ALA A 328 15.01 -16.68 -14.22
N GLY A 329 13.99 -15.95 -14.65
CA GLY A 329 14.08 -14.51 -14.78
C GLY A 329 14.33 -13.80 -13.46
N VAL A 330 13.66 -14.28 -12.41
CA VAL A 330 13.83 -13.73 -11.07
C VAL A 330 15.28 -13.95 -10.60
N ASN A 331 15.75 -15.19 -10.69
CA ASN A 331 17.10 -15.50 -10.23
C ASN A 331 18.17 -14.67 -10.95
N LEU A 332 18.00 -14.43 -12.24
CA LEU A 332 18.94 -13.57 -12.96
C LEU A 332 18.87 -12.14 -12.43
N SER A 333 17.65 -11.64 -12.15
CA SER A 333 17.47 -10.27 -11.68
C SER A 333 18.24 -9.99 -10.37
N PHE A 334 18.36 -11.00 -9.52
CA PHE A 334 19.03 -10.78 -8.23
C PHE A 334 20.56 -10.66 -8.32
N THR A 335 21.15 -11.10 -9.42
CA THR A 335 22.59 -10.90 -9.64
C THR A 335 22.90 -9.41 -9.75
N LYS A 336 21.99 -8.66 -10.38
CA LYS A 336 22.18 -7.24 -10.58
C LYS A 336 22.01 -6.47 -9.28
N TRP A 337 21.09 -6.93 -8.42
CA TRP A 337 20.88 -6.29 -7.13
C TRP A 337 22.08 -6.53 -6.22
N ARG A 338 22.57 -7.78 -6.20
CA ARG A 338 23.75 -8.11 -5.41
C ARG A 338 24.98 -7.35 -5.90
N GLU A 339 25.13 -7.22 -7.21
CA GLU A 339 26.17 -6.35 -7.79
C GLU A 339 26.05 -4.93 -7.27
N ALA A 340 24.84 -4.38 -7.29
CA ALA A 340 24.59 -3.01 -6.84
C ALA A 340 24.82 -2.85 -5.33
N ALA A 341 24.36 -3.83 -4.54
CA ALA A 341 24.55 -3.78 -3.10
C ALA A 341 26.04 -3.79 -2.69
N ALA A 342 26.85 -4.61 -3.37
CA ALA A 342 28.30 -4.66 -3.13
C ALA A 342 28.96 -3.30 -3.33
N VAL A 343 28.59 -2.63 -4.41
CA VAL A 343 29.10 -1.30 -4.73
C VAL A 343 28.70 -0.26 -3.66
N ILE A 344 27.45 -0.30 -3.24
CA ILE A 344 26.94 0.68 -2.26
C ILE A 344 27.53 0.46 -0.87
N VAL A 345 27.52 -0.79 -0.40
CA VAL A 345 28.09 -1.14 0.91
C VAL A 345 29.61 -0.94 0.91
N GLY A 346 30.25 -1.31 -0.20
CA GLY A 346 31.68 -1.03 -0.40
C GLY A 346 32.05 0.43 -0.18
N CYS A 347 31.22 1.34 -0.69
CA CYS A 347 31.42 2.77 -0.50
C CYS A 347 31.30 3.16 0.97
N TYR A 348 30.35 2.54 1.68
CA TYR A 348 30.17 2.82 3.10
C TYR A 348 31.36 2.32 3.92
N LEU A 349 31.78 1.08 3.66
CA LEU A 349 32.95 0.50 4.32
C LEU A 349 34.21 1.34 4.11
N ASP A 350 34.32 1.96 2.94
CA ASP A 350 35.45 2.85 2.63
C ASP A 350 35.23 4.30 3.10
N GLY A 351 34.04 4.59 3.64
CA GLY A 351 33.73 5.92 4.19
C GLY A 351 33.67 7.05 3.19
N VAL A 352 33.38 6.75 1.92
CA VAL A 352 33.37 7.76 0.86
C VAL A 352 31.94 8.23 0.46
N VAL A 353 30.92 7.71 1.15
CA VAL A 353 29.55 8.10 0.87
C VAL A 353 29.34 9.52 1.36
N ASP A 354 28.73 10.35 0.53
CA ASP A 354 28.42 11.73 0.92
C ASP A 354 26.90 11.97 0.82
N PRO A 355 26.25 12.30 1.95
CA PRO A 355 26.80 12.35 3.29
C PRO A 355 26.94 10.95 3.86
N MET A 356 27.78 10.81 4.88
CA MET A 356 27.76 9.60 5.71
C MET A 356 26.54 9.74 6.61
N PRO A 357 26.11 8.65 7.25
CA PRO A 357 24.90 8.70 8.09
C PRO A 357 24.92 9.82 9.12
N GLU A 358 26.11 10.14 9.63
CA GLU A 358 26.28 11.20 10.63
C GLU A 358 26.00 12.60 10.07
N GLY A 359 26.10 12.76 8.75
CA GLY A 359 25.82 14.03 8.08
C GLY A 359 24.36 14.26 7.68
N SER A 360 23.52 13.24 7.83
CA SER A 360 22.10 13.36 7.54
C SER A 360 21.31 13.56 8.82
N ALA A 361 20.03 13.93 8.67
CA ALA A 361 19.10 13.91 9.79
C ALA A 361 19.06 12.48 10.30
N PRO A 362 18.71 12.30 11.59
CA PRO A 362 18.62 10.94 12.09
C PRO A 362 17.47 10.20 11.43
N ASP A 363 17.61 8.88 11.24
CA ASP A 363 16.51 8.08 10.73
C ASP A 363 15.34 8.09 11.71
N TRP A 364 14.23 7.47 11.32
CA TRP A 364 13.01 7.51 12.13
C TRP A 364 13.15 6.81 13.50
N TYR A 365 14.14 5.93 13.63
CA TYR A 365 14.48 5.35 14.94
C TYR A 365 15.18 6.36 15.86
N GLY A 366 15.72 7.41 15.27
CA GLY A 366 16.50 8.41 16.00
C GLY A 366 17.99 8.10 15.99
N HIS A 367 18.43 7.29 15.03
CA HIS A 367 19.84 6.89 14.92
C HIS A 367 20.44 7.41 13.64
N TYR A 368 21.77 7.49 13.61
CA TYR A 368 22.51 7.89 12.43
C TYR A 368 23.17 6.66 11.84
N THR A 369 22.34 5.76 11.30
CA THR A 369 22.77 4.47 10.80
C THR A 369 22.64 4.37 9.27
N PHE A 370 23.62 3.73 8.63
CA PHE A 370 23.57 3.49 7.20
C PHE A 370 22.35 2.61 6.88
N SER A 371 21.60 3.01 5.85
CA SER A 371 20.27 2.43 5.60
C SER A 371 20.29 0.97 5.14
N LEU A 372 21.41 0.51 4.58
CA LEU A 372 21.52 -0.88 4.12
C LEU A 372 22.19 -1.81 5.14
N LEU A 373 22.32 -1.36 6.38
CA LEU A 373 22.73 -2.22 7.49
C LEU A 373 21.49 -2.80 8.16
N PRO A 374 21.63 -3.96 8.84
CA PRO A 374 20.54 -4.39 9.71
C PRO A 374 20.35 -3.37 10.82
N GLY A 375 19.11 -3.03 11.12
CA GLY A 375 18.81 -1.96 12.08
C GLY A 375 18.70 -0.58 11.43
N GLY A 376 19.12 -0.46 10.18
CA GLY A 376 18.95 0.79 9.41
C GLY A 376 17.55 0.86 8.80
N ASP A 377 17.26 1.98 8.15
CA ASP A 377 15.97 2.20 7.51
C ASP A 377 16.14 2.41 6.00
N PRO A 378 16.00 1.34 5.20
CA PRO A 378 16.06 1.49 3.75
C PRO A 378 15.00 2.50 3.28
N ARG A 379 15.43 3.51 2.53
CA ARG A 379 14.54 4.59 2.12
C ARG A 379 15.01 5.35 0.89
N PHE A 380 14.08 6.14 0.37
CA PHE A 380 14.29 6.96 -0.84
C PHE A 380 14.36 8.44 -0.48
N TYR A 381 14.16 8.76 0.80
CA TYR A 381 14.08 10.14 1.28
C TYR A 381 15.03 10.38 2.46
N ALA A 382 15.42 11.64 2.66
CA ALA A 382 16.28 12.03 3.79
C ALA A 382 17.47 11.08 3.93
N THR A 383 18.15 10.83 2.81
CA THR A 383 19.30 9.93 2.77
C THR A 383 20.22 10.35 1.63
N SER A 384 21.29 9.60 1.40
CA SER A 384 22.24 9.91 0.34
C SER A 384 21.69 9.45 -1.01
N ASN A 385 22.22 10.02 -2.08
CA ASN A 385 21.82 9.61 -3.44
C ASN A 385 22.11 8.15 -3.67
N LEU A 386 23.27 7.71 -3.19
CA LEU A 386 23.70 6.32 -3.32
C LEU A 386 22.73 5.37 -2.62
N GLU A 387 22.31 5.72 -1.41
CA GLU A 387 21.35 4.92 -0.66
C GLU A 387 19.96 4.93 -1.34
N ARG A 388 19.52 6.10 -1.79
CA ARG A 388 18.25 6.22 -2.51
C ARG A 388 18.23 5.28 -3.72
N LEU A 389 19.26 5.38 -4.55
CA LEU A 389 19.36 4.56 -5.76
C LEU A 389 19.35 3.08 -5.43
N GLY A 390 19.95 2.71 -4.30
CA GLY A 390 19.94 1.33 -3.83
C GLY A 390 18.54 0.84 -3.49
N LEU A 391 17.80 1.64 -2.72
CA LEU A 391 16.43 1.30 -2.36
C LEU A 391 15.58 1.15 -3.63
N GLU A 392 15.77 2.06 -4.58
CA GLU A 392 15.06 1.99 -5.86
C GLU A 392 15.38 0.68 -6.60
N MET A 393 16.64 0.27 -6.60
CA MET A 393 17.03 -0.99 -7.25
C MET A 393 16.28 -2.20 -6.71
N ILE A 394 16.20 -2.31 -5.39
CA ILE A 394 15.60 -3.50 -4.77
C ILE A 394 14.07 -3.45 -4.70
N CYS A 395 13.52 -2.28 -4.33
CA CYS A 395 12.07 -2.14 -4.14
C CYS A 395 11.33 -1.87 -5.45
N TYR A 396 11.69 -0.75 -6.09
CA TYR A 396 11.01 -0.30 -7.32
C TYR A 396 11.23 -1.25 -8.50
N LEU A 397 12.41 -1.85 -8.59
CA LEU A 397 12.79 -2.61 -9.79
C LEU A 397 12.83 -4.12 -9.59
N THR A 398 13.69 -4.60 -8.70
CA THR A 398 13.89 -6.05 -8.53
C THR A 398 12.60 -6.77 -8.18
N GLY A 399 11.85 -6.25 -7.20
CA GLY A 399 10.54 -6.80 -6.86
C GLY A 399 9.56 -6.85 -8.02
N ASN A 400 9.57 -5.81 -8.85
CA ASN A 400 8.64 -5.73 -9.99
C ASN A 400 9.02 -6.63 -11.17
N VAL A 401 10.28 -7.04 -11.26
CA VAL A 401 10.68 -8.04 -12.26
C VAL A 401 9.90 -9.34 -12.03
N TYR A 402 9.81 -9.75 -10.76
CA TYR A 402 9.00 -10.90 -10.39
C TYR A 402 7.54 -10.73 -10.85
N LYS A 403 6.95 -9.57 -10.56
CA LYS A 403 5.56 -9.26 -10.97
C LYS A 403 5.35 -9.33 -12.48
N ALA A 404 6.34 -8.86 -13.25
CA ALA A 404 6.30 -8.88 -14.71
C ALA A 404 6.27 -10.31 -15.25
N TYR A 405 7.06 -11.19 -14.65
CA TYR A 405 7.06 -12.60 -15.03
C TYR A 405 5.79 -13.32 -14.57
N ALA A 406 5.38 -13.08 -13.32
CA ALA A 406 4.15 -13.67 -12.77
C ALA A 406 2.92 -13.36 -13.63
N HIS A 407 2.89 -12.17 -14.24
CA HIS A 407 1.73 -11.75 -15.02
C HIS A 407 1.92 -11.76 -16.54
N MET A 408 3.01 -12.39 -16.99
CA MET A 408 3.22 -12.68 -18.41
C MET A 408 3.35 -11.42 -19.27
N SER A 409 3.94 -10.37 -18.72
CA SER A 409 4.18 -9.14 -19.49
C SER A 409 5.57 -9.22 -20.12
N MET A 410 5.61 -9.64 -21.38
CA MET A 410 6.86 -9.77 -22.14
C MET A 410 7.62 -8.45 -22.13
N TYR A 411 6.87 -7.36 -22.27
CA TYR A 411 7.42 -6.01 -22.30
C TYR A 411 8.04 -5.55 -20.97
N ASN A 412 7.29 -5.71 -19.88
CA ASN A 412 7.78 -5.26 -18.58
C ASN A 412 8.85 -6.17 -17.98
N GLN A 413 8.97 -7.39 -18.50
CA GLN A 413 10.08 -8.26 -18.15
C GLN A 413 11.41 -7.70 -18.69
N THR A 414 11.33 -7.00 -19.82
CA THR A 414 12.52 -6.62 -20.60
C THR A 414 12.70 -5.10 -20.74
N TYR A 415 11.97 -4.46 -21.66
CA TYR A 415 12.15 -3.03 -21.95
C TYR A 415 11.41 -2.10 -20.98
N GLY A 416 10.39 -2.61 -20.30
CA GLY A 416 9.45 -1.75 -19.63
C GLY A 416 9.87 -1.19 -18.29
N ASN A 417 8.90 -0.61 -17.61
CA ASN A 417 9.09 -0.18 -16.24
C ASN A 417 9.18 -1.40 -15.32
N GLY A 418 10.09 -1.36 -14.35
CA GLY A 418 10.27 -2.45 -13.39
C GLY A 418 10.86 -3.70 -14.01
N SER A 419 11.74 -3.49 -15.00
CA SER A 419 12.22 -4.55 -15.87
C SER A 419 13.71 -4.81 -15.71
N ALA A 420 14.19 -5.81 -16.46
CA ALA A 420 15.62 -6.13 -16.54
C ALA A 420 16.42 -4.94 -17.02
N PHE A 421 15.96 -4.29 -18.09
CA PHE A 421 16.71 -3.19 -18.69
C PHE A 421 16.69 -1.95 -17.81
N GLU A 422 15.61 -1.74 -17.07
CA GLU A 422 15.62 -0.68 -16.05
C GLU A 422 16.61 -1.01 -14.93
N GLN A 423 16.74 -2.29 -14.57
CA GLN A 423 17.77 -2.71 -13.61
C GLN A 423 19.16 -2.37 -14.13
N ASP A 424 19.41 -2.69 -15.40
CA ASP A 424 20.69 -2.33 -16.04
C ASP A 424 21.00 -0.86 -15.86
N ARG A 425 20.03 0.00 -16.21
CA ARG A 425 20.23 1.44 -16.19
C ARG A 425 20.46 1.92 -14.76
N LYS A 426 19.70 1.37 -13.81
CA LYS A 426 19.89 1.70 -12.41
C LYS A 426 21.27 1.28 -11.90
N LEU A 427 21.77 0.16 -12.40
CA LEU A 427 23.09 -0.33 -11.99
C LEU A 427 24.17 0.65 -12.46
N VAL A 428 24.04 1.13 -13.69
CA VAL A 428 24.94 2.16 -14.21
C VAL A 428 24.86 3.44 -13.35
N GLU A 429 23.65 3.85 -12.99
CA GLU A 429 23.46 5.03 -12.13
C GLU A 429 24.17 4.89 -10.78
N ILE A 430 24.04 3.70 -10.18
CA ILE A 430 24.65 3.43 -8.89
C ILE A 430 26.19 3.43 -8.99
N LYS A 431 26.73 2.72 -9.98
CA LYS A 431 28.17 2.73 -10.26
C LYS A 431 28.67 4.15 -10.56
N THR A 432 27.85 4.94 -11.25
CA THR A 432 28.20 6.31 -11.57
C THR A 432 28.36 7.14 -10.30
N GLU A 433 27.37 7.07 -9.42
CA GLU A 433 27.43 7.74 -8.12
C GLU A 433 28.65 7.28 -7.33
N ALA A 434 28.83 5.96 -7.22
CA ALA A 434 29.96 5.40 -6.50
C ALA A 434 31.30 5.92 -7.05
N ALA A 435 31.42 5.95 -8.38
CA ALA A 435 32.66 6.38 -9.04
C ALA A 435 32.98 7.85 -8.77
N LYS A 436 31.94 8.69 -8.83
CA LYS A 436 32.03 10.10 -8.47
C LYS A 436 32.49 10.27 -7.02
N LEU A 437 31.87 9.53 -6.12
CA LEU A 437 32.20 9.61 -4.70
C LEU A 437 33.67 9.25 -4.46
N ARG A 438 34.14 8.20 -5.14
CA ARG A 438 35.51 7.73 -4.97
C ARG A 438 36.54 8.66 -5.60
N ARG A 439 36.19 9.29 -6.72
CA ARG A 439 37.08 10.27 -7.34
C ARG A 439 37.23 11.55 -6.50
N PHE A 440 36.13 12.00 -5.89
CA PHE A 440 36.19 13.16 -4.99
C PHE A 440 37.07 12.86 -3.76
N ALA A 441 36.84 11.71 -3.13
CA ALA A 441 37.55 11.31 -1.92
C ALA A 441 39.06 11.14 -2.17
N ALA A 442 39.40 10.54 -3.31
CA ALA A 442 40.80 10.36 -3.70
C ALA A 442 41.53 11.69 -3.89
N ILE A 443 40.87 12.64 -4.54
CA ILE A 443 41.43 13.98 -4.74
C ILE A 443 41.60 14.70 -3.41
N GLU A 444 40.53 14.77 -2.62
CA GLU A 444 40.54 15.43 -1.31
C GLU A 444 41.61 14.89 -0.36
N LYS A 445 41.80 13.57 -0.38
CA LYS A 445 42.86 12.91 0.37
C LYS A 445 44.24 13.44 -0.05
N LYS A 446 44.52 13.37 -1.35
CA LYS A 446 45.82 13.74 -1.90
C LYS A 446 46.18 15.22 -1.70
N ILE A 447 45.22 16.11 -1.90
CA ILE A 447 45.47 17.56 -1.69
C ILE A 447 45.29 17.99 -0.24
N GLY A 448 44.81 17.08 0.60
CA GLY A 448 44.63 17.35 2.03
C GLY A 448 43.45 18.26 2.36
N LEU A 449 42.39 18.19 1.56
CA LEU A 449 41.15 18.91 1.87
C LEU A 449 40.31 18.06 2.81
N GLU A 450 39.84 18.68 3.89
CA GLU A 450 38.98 18.04 4.88
C GLU A 450 37.53 18.34 4.50
N HIS A 451 36.88 17.40 3.83
CA HIS A 451 35.52 17.63 3.35
C HIS A 451 34.53 17.46 4.49
N LYS A 452 33.66 18.45 4.65
CA LYS A 452 32.52 18.33 5.55
C LYS A 452 31.22 18.45 4.75
N SER A 453 30.36 17.45 4.89
CA SER A 453 29.13 17.35 4.11
C SER A 453 28.22 18.55 4.38
N ALA A 454 27.59 19.06 3.32
CA ALA A 454 26.77 20.28 3.41
C ALA A 454 25.66 20.19 4.47
N ASP A 455 25.30 21.33 5.02
CA ASP A 455 24.26 21.41 6.06
C ASP A 455 22.89 20.96 5.56
N PHE A 456 22.61 21.15 4.26
CA PHE A 456 21.29 20.81 3.70
C PHE A 456 20.95 19.31 3.71
N TRP A 457 21.97 18.45 3.87
CA TRP A 457 21.73 17.02 4.09
C TRP A 457 21.10 16.76 5.46
N LYS A 458 21.26 17.70 6.38
CA LYS A 458 20.89 17.51 7.77
C LYS A 458 19.69 18.38 8.17
N HIS A 459 19.70 19.64 7.78
CA HIS A 459 18.66 20.58 8.18
C HIS A 459 17.98 21.27 7.00
N GLY A 460 16.71 21.61 7.21
CA GLY A 460 15.88 22.22 6.18
C GLY A 460 14.44 22.25 6.65
N GLU A 461 13.58 22.99 5.96
CA GLU A 461 12.20 23.15 6.41
C GLU A 461 11.43 21.82 6.54
N TYR A 462 11.65 20.89 5.61
CA TYR A 462 11.02 19.57 5.68
C TYR A 462 11.76 18.63 6.62
N LEU A 463 13.09 18.54 6.44
CA LEU A 463 13.89 17.63 7.27
C LEU A 463 13.67 17.88 8.76
N ASP A 464 13.48 19.14 9.15
CA ASP A 464 13.30 19.49 10.57
C ASP A 464 11.97 19.01 11.16
N LEU A 465 11.00 18.65 10.31
CA LEU A 465 9.71 18.14 10.77
C LEU A 465 9.73 16.65 11.08
N LEU A 466 10.81 15.96 10.72
CA LEU A 466 10.86 14.51 10.83
C LEU A 466 10.91 14.05 12.29
N PRO A 467 10.18 12.96 12.63
CA PRO A 467 10.12 12.47 14.01
C PRO A 467 11.43 11.88 14.54
N GLY A 468 12.36 11.53 13.66
CA GLY A 468 13.68 11.08 14.06
C GLY A 468 14.37 11.99 15.08
N TRP A 469 14.11 13.29 14.97
CA TRP A 469 14.68 14.28 15.88
C TRP A 469 14.18 14.13 17.32
N LYS A 470 12.93 13.70 17.48
CA LYS A 470 12.29 13.67 18.81
C LYS A 470 12.13 12.26 19.39
N ARG A 471 12.81 11.28 18.81
CA ARG A 471 12.84 9.93 19.40
C ARG A 471 13.65 9.96 20.70
N LYS A 472 13.17 9.26 21.72
CA LYS A 472 13.85 9.17 23.02
C LYS A 472 13.61 7.80 23.65
N PRO A 473 14.50 7.36 24.56
CA PRO A 473 14.30 6.08 25.23
C PRO A 473 12.93 5.95 25.87
N GLY A 474 12.34 4.76 25.78
CA GLY A 474 11.03 4.50 26.37
C GLY A 474 9.83 5.07 25.63
N ASP A 475 9.99 5.44 24.35
CA ASP A 475 8.86 5.99 23.58
C ASP A 475 8.14 4.94 22.70
N VAL A 476 8.62 3.69 22.77
CA VAL A 476 7.97 2.57 22.07
C VAL A 476 7.03 1.79 22.99
N ASP A 477 5.80 1.58 22.54
CA ASP A 477 4.84 0.69 23.18
C ASP A 477 5.22 -0.75 22.78
N VAL A 478 6.09 -1.37 23.56
CA VAL A 478 6.58 -2.71 23.23
C VAL A 478 5.51 -3.77 23.52
N GLU A 479 4.56 -3.46 24.39
CA GLU A 479 3.41 -4.35 24.62
C GLU A 479 2.66 -4.66 23.31
N TRP A 480 2.61 -3.68 22.42
CA TRP A 480 2.03 -3.91 21.09
C TRP A 480 2.78 -5.01 20.37
N PHE A 481 4.10 -4.90 20.33
CA PHE A 481 4.94 -5.89 19.66
C PHE A 481 4.89 -7.27 20.32
N LYS A 482 4.57 -7.31 21.61
CA LYS A 482 4.40 -8.58 22.34
C LYS A 482 3.14 -9.33 21.95
N ARG A 483 2.17 -8.63 21.36
CA ARG A 483 0.92 -9.26 20.92
C ARG A 483 1.20 -10.41 19.97
N THR A 484 0.52 -11.54 20.18
CA THR A 484 0.64 -12.71 19.32
C THR A 484 -0.60 -12.92 18.44
N ASP A 485 -1.64 -12.09 18.63
CA ASP A 485 -2.86 -12.20 17.82
C ASP A 485 -2.74 -11.51 16.45
N ILE A 486 -1.70 -10.71 16.28
CA ILE A 486 -1.35 -10.13 14.99
C ILE A 486 0.13 -10.42 14.74
N PRO A 487 0.54 -10.49 13.46
CA PRO A 487 1.97 -10.55 13.16
C PRO A 487 2.62 -9.17 13.31
N HIS A 488 3.93 -9.11 13.14
CA HIS A 488 4.67 -7.87 13.33
C HIS A 488 5.82 -7.71 12.35
N ARG A 489 6.18 -6.47 12.11
CA ARG A 489 7.39 -6.15 11.36
C ARG A 489 8.59 -6.23 12.29
N ALA A 490 9.74 -6.67 11.77
CA ALA A 490 10.95 -6.81 12.58
C ALA A 490 11.69 -5.49 12.73
N ASN A 491 11.05 -4.50 13.36
CA ASN A 491 11.64 -3.16 13.52
C ASN A 491 12.81 -3.14 14.51
N ALA A 492 13.79 -2.29 14.27
CA ALA A 492 15.02 -2.24 15.08
C ALA A 492 14.75 -1.90 16.54
N ASP A 493 13.75 -1.06 16.80
CA ASP A 493 13.43 -0.63 18.17
C ASP A 493 12.21 -1.37 18.76
N ALA A 494 11.92 -2.56 18.24
CA ALA A 494 10.76 -3.34 18.69
C ALA A 494 10.86 -3.69 20.18
N GLY A 495 12.07 -3.95 20.64
CA GLY A 495 12.32 -4.21 22.07
C GLY A 495 12.01 -5.63 22.51
N VAL A 496 11.40 -6.43 21.62
CA VAL A 496 11.03 -7.80 21.94
C VAL A 496 11.32 -8.71 20.75
N GLU A 497 10.89 -9.97 20.84
CA GLU A 497 11.18 -10.98 19.82
C GLU A 497 10.57 -10.68 18.45
P PO4 B . -6.66 -4.12 17.04
O1 PO4 B . -5.37 -3.43 17.37
O2 PO4 B . -7.46 -4.32 18.29
O3 PO4 B . -7.47 -3.27 16.10
O4 PO4 B . -6.33 -5.45 16.40
P PO4 C . -3.77 0.83 20.52
O1 PO4 C . -2.92 1.60 19.55
O2 PO4 C . -4.40 1.78 21.49
O3 PO4 C . -4.84 0.05 19.81
O4 PO4 C . -2.90 -0.14 21.28
P PO4 D . 26.16 13.31 -11.09
O1 PO4 D . 26.61 14.35 -12.09
O2 PO4 D . 26.07 13.93 -9.72
O3 PO4 D . 24.78 12.78 -11.49
O4 PO4 D . 27.14 12.16 -11.07
P PO4 E . -38.16 -0.01 10.03
O1 PO4 E . -37.23 1.17 10.13
O2 PO4 E . -38.44 -0.53 11.41
O3 PO4 E . -37.51 -1.08 9.21
O4 PO4 E . -39.46 0.43 9.37
C1 EDO F . -29.44 3.55 17.48
O1 EDO F . -29.99 2.78 16.41
C2 EDO F . -28.06 4.08 17.10
O2 EDO F . -28.19 5.05 16.05
C1 EDO G . -11.91 -9.24 14.45
O1 EDO G . -11.22 -8.00 14.37
C2 EDO G . -10.90 -10.37 14.34
O2 EDO G . -10.86 -10.83 12.99
C1 EDO H . -23.47 -19.23 -12.51
O1 EDO H . -22.57 -18.13 -12.49
C2 EDO H . -22.81 -20.43 -11.83
O2 EDO H . -21.66 -20.85 -12.57
C1 EDO I . -10.51 -20.44 -10.64
O1 EDO I . -10.63 -21.65 -11.40
C2 EDO I . -11.75 -19.58 -10.85
O2 EDO I . -11.70 -18.42 -10.02
C1 EDO J . -7.20 -20.60 -25.02
O1 EDO J . -7.93 -20.81 -26.25
C2 EDO J . -5.70 -20.38 -25.28
O2 EDO J . -5.03 -21.59 -25.72
C1 EDO K . 24.70 -5.68 2.88
O1 EDO K . 23.58 -4.79 2.72
C2 EDO K . 25.55 -5.28 4.08
O2 EDO K . 26.74 -6.10 4.13
C1 EDO L . 11.12 -24.83 -19.29
O1 EDO L . 12.07 -25.75 -18.75
C2 EDO L . 11.57 -23.38 -19.22
O2 EDO L . 12.59 -23.15 -18.23
CG PHZ M . 5.43 0.20 -2.22
CD1 PHZ M . 4.13 0.33 -2.74
CE1 PHZ M . 3.03 0.22 -1.92
CZ PHZ M . 3.16 -0.02 -0.55
CE2 PHZ M . 4.47 -0.15 -0.03
CD2 PHZ M . 5.59 -0.04 -0.86
FE HEC N . -29.15 11.16 7.05
CHA HEC N . -26.04 12.64 6.78
CHB HEC N . -27.69 8.15 7.52
CHC HEC N . -32.23 9.75 7.69
CHD HEC N . -30.68 14.08 6.22
NA HEC N . -27.21 10.51 7.03
C1A HEC N . -26.08 11.29 7.08
C2A HEC N . -24.96 10.42 7.32
C3A HEC N . -25.41 9.18 7.49
C4A HEC N . -26.84 9.21 7.33
CMA HEC N . -24.56 7.89 7.38
CAA HEC N . -23.48 10.86 7.42
CBA HEC N . -23.25 11.42 8.82
CGA HEC N . -21.87 11.99 8.95
O1A HEC N . -21.39 12.63 7.99
O2A HEC N . -21.29 11.89 10.06
NB HEC N . -29.84 9.29 7.52
C1B HEC N . -29.03 8.21 7.75
C2B HEC N . -29.88 7.11 8.16
C3B HEC N . -31.10 7.60 8.37
C4B HEC N . -31.14 8.90 7.73
CMB HEC N . -29.40 5.67 8.50
CAB HEC N . -32.34 6.81 8.84
CBB HEC N . -32.32 6.21 10.04
NC HEC N . -31.08 11.82 7.09
C1C HEC N . -32.21 11.06 7.28
C2C HEC N . -33.36 11.95 7.26
C3C HEC N . -32.94 13.14 6.81
C4C HEC N . -31.49 13.09 6.73
CMC HEC N . -34.79 11.56 7.69
CAC HEC N . -33.83 14.31 6.32
CBC HEC N . -35.01 14.56 6.90
ND HEC N . -28.46 13.08 6.58
C1D HEC N . -29.31 14.16 6.34
C2D HEC N . -28.52 15.30 5.95
C3D HEC N . -27.08 14.89 6.27
C4D HEC N . -27.12 13.46 6.54
CMD HEC N . -29.01 16.75 5.78
CAD HEC N . -25.83 15.77 6.06
CBD HEC N . -25.78 16.90 7.07
CGD HEC N . -25.89 16.36 8.47
O1D HEC N . -26.85 16.75 9.19
O2D HEC N . -25.13 15.41 8.80
FE HEC O . -24.09 3.52 3.95
CHA HEC O . -20.91 4.79 4.44
CHB HEC O . -25.34 6.65 3.87
CHC HEC O . -27.25 2.26 3.28
CHD HEC O . -23.00 0.39 4.48
NA HEC O . -23.24 5.37 3.90
C1A HEC O . -21.94 5.69 4.24
C2A HEC O . -21.81 7.13 4.14
C3A HEC O . -23.05 7.63 4.13
C4A HEC O . -23.98 6.52 4.03
CMA HEC O . -23.44 9.11 3.99
CAA HEC O . -20.49 7.91 4.35
CBA HEC O . -19.55 7.75 3.17
CGA HEC O . -20.03 8.52 1.96
O1A HEC O . -19.82 8.03 0.81
O2A HEC O . -20.42 9.70 2.14
NB HEC O . -25.95 4.30 3.68
C1B HEC O . -26.26 5.64 3.78
C2B HEC O . -27.63 5.80 3.34
C3B HEC O . -28.15 4.59 3.09
C4B HEC O . -27.10 3.62 3.34
CMB HEC O . -28.44 7.12 3.40
CAB HEC O . -29.58 4.28 2.60
CBB HEC O . -29.93 4.63 1.36
NC HEC O . -24.99 1.70 4.00
C1C HEC O . -26.27 1.35 3.60
C2C HEC O . -26.43 -0.07 3.78
C3C HEC O . -25.33 -0.53 4.36
C4C HEC O . -24.37 0.55 4.43
CMC HEC O . -27.75 -0.85 3.55
CAC HEC O . -25.09 -1.98 4.83
CBC HEC O . -25.37 -3.00 4.01
ND HEC O . -22.22 2.71 4.24
C1D HEC O . -22.06 1.38 4.61
C2D HEC O . -20.70 1.13 4.99
C3D HEC O . -20.00 2.48 4.84
C4D HEC O . -21.05 3.42 4.48
CMD HEC O . -19.99 -0.23 5.11
CAD HEC O . -18.54 2.80 5.24
CBD HEC O . -17.69 3.05 3.99
CGD HEC O . -17.35 1.76 3.27
O1D HEC O . -17.17 1.80 2.03
O2D HEC O . -17.17 0.71 3.95
FE HEC P . -25.16 -8.00 2.31
CHA HEC P . -26.25 -9.53 -0.57
CHB HEC P . -22.25 -7.22 0.77
CHC HEC P . -24.11 -6.34 5.16
CHD HEC P . -27.91 -9.07 4.00
NA HEC P . -24.41 -8.31 0.45
C1A HEC P . -24.98 -9.01 -0.59
C2A HEC P . -23.98 -9.21 -1.62
C3A HEC P . -22.96 -8.40 -1.33
C4A HEC P . -23.16 -7.93 0.02
CMA HEC P . -21.64 -8.33 -2.13
CAA HEC P . -24.26 -9.77 -3.04
CBA HEC P . -24.89 -8.66 -3.85
CGA HEC P . -25.30 -9.11 -5.23
O1A HEC P . -25.88 -8.26 -5.94
O2A HEC P . -24.97 -10.25 -5.66
NB HEC P . -23.53 -6.94 2.85
C1B HEC P . -22.41 -6.77 2.05
C2B HEC P . -21.45 -5.97 2.80
C3B HEC P . -21.98 -5.69 3.99
C4B HEC P . -23.28 -6.32 4.06
CMB HEC P . -20.05 -5.57 2.31
CAB HEC P . -21.33 -4.85 5.11
CBB HEC P . -21.16 -3.52 4.90
NC HEC P . -25.89 -7.72 4.22
C1C HEC P . -25.31 -7.02 5.24
C2C HEC P . -26.06 -7.26 6.46
C3C HEC P . -27.14 -8.00 6.13
C4C HEC P . -27.02 -8.33 4.72
CMC HEC P . -25.77 -6.62 7.83
CAC HEC P . -28.10 -8.71 7.11
CBC HEC P . -28.81 -8.01 8.02
ND HEC P . -26.84 -9.03 1.77
C1D HEC P . -27.90 -9.27 2.64
C2D HEC P . -28.95 -9.94 1.90
C3D HEC P . -28.47 -9.99 0.46
C4D HEC P . -27.13 -9.48 0.49
CMD HEC P . -30.32 -10.43 2.44
CAD HEC P . -29.17 -10.71 -0.72
CBD HEC P . -28.94 -12.21 -0.66
CGD HEC P . -29.68 -12.88 -1.78
O1D HEC P . -29.33 -12.62 -2.96
O2D HEC P . -30.41 -13.87 -1.50
FE HEC Q . 1.62 -0.18 0.61
CHA HEC Q . 2.64 -3.41 0.32
CHB HEC Q . 2.88 0.08 3.66
CHC HEC Q . 1.70 3.19 0.18
CHD HEC Q . -0.79 -0.55 -1.70
NA HEC Q . 2.66 -1.43 1.75
C1A HEC Q . 3.11 -2.69 1.41
C2A HEC Q . 3.97 -3.13 2.50
C3A HEC Q . 4.06 -2.15 3.41
C4A HEC Q . 3.14 -1.10 3.00
CMA HEC Q . 4.67 -2.26 4.82
CAA HEC Q . 4.88 -4.39 2.48
CBA HEC Q . 6.34 -3.96 2.33
CGA HEC Q . 7.21 -5.17 2.52
O1A HEC Q . 7.44 -5.92 1.52
O2A HEC Q . 7.65 -5.43 3.67
NB HEC Q . 2.27 1.38 1.67
C1B HEC Q . 2.53 1.24 3.01
C2B HEC Q . 2.60 2.58 3.55
C3B HEC Q . 2.67 3.42 2.51
C4B HEC Q . 2.43 2.69 1.28
CMB HEC Q . 2.28 2.92 5.02
CAB HEC Q . 2.87 4.96 2.58
CBB HEC Q . 3.72 5.38 3.80
NC HEC Q . 0.57 1.10 -0.49
C1C HEC Q . 0.72 2.47 -0.52
C2C HEC Q . -0.47 2.99 -1.15
C3C HEC Q . -1.17 1.96 -1.66
C4C HEC Q . -0.47 0.74 -1.33
CMC HEC Q . -0.96 4.44 -1.04
CAC HEC Q . -2.64 2.02 -2.12
CBC HEC Q . -2.85 3.12 -3.20
ND HEC Q . 1.00 -1.77 -0.52
C1D HEC Q . -0.03 -1.68 -1.46
C2D HEC Q . -0.08 -2.93 -2.19
C3D HEC Q . 1.07 -3.77 -1.63
C4D HEC Q . 1.67 -2.98 -0.58
CMD HEC Q . -1.26 -3.45 -3.03
CAD HEC Q . 1.18 -5.30 -1.77
CBD HEC Q . 2.22 -5.67 -2.82
CGD HEC Q . 2.50 -7.14 -2.75
O1D HEC Q . 2.54 -7.68 -1.60
O2D HEC Q . 3.02 -7.68 -3.76
FE HEC R . -16.81 -9.87 -1.58
CHA HEC R . -18.68 -11.73 -3.76
CHB HEC R . -19.23 -10.22 0.80
CHC HEC R . -14.81 -8.21 0.70
CHD HEC R . -14.46 -9.31 -3.95
NA HEC R . -18.64 -10.76 -1.52
C1A HEC R . -19.29 -11.37 -2.58
C2A HEC R . -20.54 -11.88 -2.07
C3A HEC R . -20.74 -11.37 -0.85
C4A HEC R . -19.53 -10.67 -0.47
CMA HEC R . -21.97 -11.61 0.05
CAA HEC R . -21.54 -12.75 -2.86
CBA HEC R . -21.36 -14.21 -2.47
CGA HEC R . -22.44 -15.07 -3.07
O1A HEC R . -22.72 -14.91 -4.29
O2A HEC R . -22.67 -16.17 -2.49
NB HEC R . -17.00 -9.29 0.34
C1B HEC R . -18.10 -9.50 1.15
C2B HEC R . -17.80 -9.00 2.47
C3B HEC R . -16.53 -8.62 2.46
C4B HEC R . -16.05 -8.66 1.10
CMB HEC R . -18.72 -9.16 3.70
CAB HEC R . -15.70 -7.93 3.55
CBB HEC R . -15.97 -8.09 4.84
NC HEC R . -14.94 -8.94 -1.61
C1C HEC R . -14.34 -8.26 -0.58
C2C HEC R . -13.03 -7.83 -1.03
C3C HEC R . -12.92 -8.17 -2.32
C4C HEC R . -14.10 -8.93 -2.68
CMC HEC R . -12.00 -7.03 -0.18
CAC HEC R . -11.69 -7.90 -3.23
CBC HEC R . -10.49 -8.34 -2.81
ND HEC R . -16.60 -10.43 -3.53
C1D HEC R . -15.43 -10.22 -4.26
C2D HEC R . -15.62 -10.75 -5.60
C3D HEC R . -16.95 -11.51 -5.55
C4D HEC R . -17.49 -11.25 -4.23
CMD HEC R . -14.58 -10.81 -6.73
CAD HEC R . -17.44 -12.56 -6.56
CBD HEC R . -16.75 -13.89 -6.29
CGD HEC R . -17.37 -14.98 -7.13
O1D HEC R . -17.57 -14.78 -8.36
O2D HEC R . -17.44 -16.13 -6.64
FE HEC S . -5.09 -6.46 -2.59
CHA HEC S . -2.45 -7.59 -0.73
CHB HEC S . -5.08 -9.42 -4.37
CHC HEC S . -7.99 -5.54 -4.16
CHD HEC S . -4.87 -3.36 -1.18
NA HEC S . -4.00 -8.21 -2.51
C1A HEC S . -2.91 -8.44 -1.70
C2A HEC S . -2.45 -9.79 -1.94
C3A HEC S . -3.08 -10.23 -3.05
C4A HEC S . -4.08 -9.24 -3.42
CMA HEC S . -2.90 -11.61 -3.72
CAA HEC S . -1.30 -10.50 -1.20
CBA HEC S . 0.04 -9.90 -1.62
CGA HEC S . 1.22 -10.55 -0.94
O1A HEC S . 2.37 -10.14 -1.27
O2A HEC S . 1.09 -11.67 -0.40
NB HEC S . -6.35 -7.35 -3.96
C1B HEC S . -6.12 -8.54 -4.62
C2B HEC S . -7.06 -8.62 -5.73
C3B HEC S . -7.88 -7.57 -5.66
C4B HEC S . -7.46 -6.75 -4.54
CMB HEC S . -7.23 -9.86 -6.64
CAB HEC S . -9.11 -7.31 -6.54
CBB HEC S . -10.03 -8.27 -6.72
NC HEC S . -6.21 -4.75 -2.68
C1C HEC S . -7.47 -4.66 -3.24
C2C HEC S . -7.97 -3.32 -3.00
C3C HEC S . -7.08 -2.70 -2.22
C4C HEC S . -5.99 -3.62 -1.94
CMC HEC S . -9.26 -2.75 -3.60
CAC HEC S . -7.11 -1.22 -1.78
CBC HEC S . -8.19 -0.76 -1.12
ND HEC S . -3.78 -5.57 -1.27
C1D HEC S . -3.86 -4.24 -0.90
C2D HEC S . -2.91 -4.02 0.15
C3D HEC S . -2.19 -5.34 0.36
C4D HEC S . -2.78 -6.26 -0.59
CMD HEC S . -2.58 -2.67 0.83
CAD HEC S . -1.46 -5.73 1.66
CBD HEC S . -0.17 -4.94 1.69
CGD HEC S . 0.59 -5.31 2.94
O1D HEC S . 0.10 -4.97 4.04
O2D HEC S . 1.80 -5.58 2.78
FE HEC T . -1.46 -11.87 -9.95
CHA HEC T . 1.32 -12.80 -8.17
CHB HEC T . -1.90 -9.17 -7.97
CHC HEC T . -3.76 -10.67 -12.18
CHD HEC T . -1.49 -14.87 -11.58
NA HEC T . -0.48 -11.14 -8.33
C1A HEC T . 0.66 -11.65 -7.76
C2A HEC T . 0.90 -10.90 -6.55
C3A HEC T . -0.02 -9.94 -6.46
C4A HEC T . -0.87 -10.03 -7.62
CMA HEC T . -0.16 -8.88 -5.34
CAA HEC T . 1.94 -11.27 -5.47
CBA HEC T . 1.51 -12.57 -4.77
CGA HEC T . 2.59 -13.12 -3.87
O1A HEC T . 3.78 -12.77 -4.04
O2A HEC T . 2.29 -14.18 -3.24
NB HEC T . -2.61 -10.20 -10.06
C1B HEC T . -2.59 -9.17 -9.17
C2B HEC T . -3.55 -8.18 -9.62
C3B HEC T . -3.99 -8.55 -10.83
C4B HEC T . -3.45 -9.86 -11.11
CMB HEC T . -4.03 -6.98 -8.79
CAB HEC T . -4.80 -7.71 -11.84
CBB HEC T . -4.40 -6.46 -12.11
NC HEC T . -2.47 -12.64 -11.57
C1C HEC T . -3.48 -12.01 -12.26
C2C HEC T . -4.03 -12.97 -13.21
C3C HEC T . -3.47 -14.16 -12.95
C4C HEC T . -2.46 -13.97 -11.92
CMC HEC T . -4.99 -12.64 -14.39
CAC HEC T . -3.86 -15.51 -13.58
CBC HEC T . -3.68 -15.69 -14.91
ND HEC T . -0.25 -13.56 -9.88
C1D HEC T . -0.44 -14.67 -10.70
C2D HEC T . 0.49 -15.70 -10.30
C3D HEC T . 1.53 -14.97 -9.44
C4D HEC T . 0.94 -13.67 -9.18
CMD HEC T . 0.67 -17.07 -11.00
CAD HEC T . 2.74 -15.62 -8.73
CBD HEC T . 2.30 -16.42 -7.52
CGD HEC T . 3.31 -17.50 -7.18
O1D HEC T . 3.27 -17.97 -6.01
O2D HEC T . 3.80 -18.17 -8.13
FE HEC U . -3.30 -17.44 -20.43
CHA HEC U . -2.58 -16.17 -23.55
CHB HEC U . 0.04 -17.72 -19.79
CHC HEC U . -3.98 -18.47 -17.21
CHD HEC U . -6.59 -17.60 -21.18
NA HEC U . -1.61 -16.99 -21.44
C1A HEC U . -1.53 -16.47 -22.72
C2A HEC U . -0.15 -16.16 -23.02
C3A HEC U . 0.59 -16.63 -22.01
C4A HEC U . -0.31 -17.14 -20.99
CMA HEC U . 2.12 -16.52 -21.88
CAA HEC U . 0.34 -15.42 -24.28
CBA HEC U . 0.25 -16.32 -25.52
CGA HEC U . 1.43 -17.24 -25.64
O1A HEC U . 2.58 -16.82 -25.35
O2A HEC U . 1.24 -18.36 -26.16
NB HEC U . -2.19 -18.03 -18.82
C1B HEC U . -0.82 -18.17 -18.81
C2B HEC U . -0.45 -18.81 -17.57
C3B HEC U . -1.52 -18.84 -16.80
C4B HEC U . -2.66 -18.49 -17.60
CMB HEC U . 1.01 -19.16 -17.19
CAB HEC U . -1.56 -19.17 -15.28
CBB HEC U . -0.90 -18.39 -14.41
NC HEC U . -4.97 -17.90 -19.37
C1C HEC U . -5.05 -18.16 -18.01
C2C HEC U . -6.43 -18.49 -17.72
C3C HEC U . -7.16 -18.21 -18.81
C4C HEC U . -6.26 -17.76 -19.85
CMC HEC U . -6.93 -19.11 -16.40
CAC HEC U . -8.66 -18.51 -19.01
CBC HEC U . -9.56 -17.98 -18.18
ND HEC U . -4.42 -16.93 -22.08
C1D HEC U . -5.78 -17.15 -22.20
C2D HEC U . -6.22 -16.75 -23.52
C3D HEC U . -4.97 -16.30 -24.25
C4D HEC U . -3.90 -16.45 -23.28
CMD HEC U . -7.68 -16.59 -24.01
CAD HEC U . -4.87 -15.80 -25.71
CBD HEC U . -4.08 -16.81 -26.56
CGD HEC U . -3.25 -16.09 -27.60
O1D HEC U . -2.32 -15.34 -27.19
O2D HEC U . -3.45 -16.35 -28.81
#